data_7B37
#
_entry.id   7B37
#
_cell.length_a   60.163
_cell.length_b   71.546
_cell.length_c   78.124
_cell.angle_alpha   90.000
_cell.angle_beta   90.000
_cell.angle_gamma   90.000
#
_symmetry.space_group_name_H-M   'P 21 21 21'
#
loop_
_entity.id
_entity.type
_entity.pdbx_description
1 polymer 'Palmitoleoyl-protein carboxylesterase NOTUM'
2 non-polymer 2-acetamido-2-deoxy-beta-D-glucopyranose
3 non-polymer 'SULFATE ION'
4 non-polymer 'DIMETHYL SULFOXIDE'
5 non-polymer 1,2-ETHANEDIOL
6 non-polymer '4-(2,3-dihydroindol-1-yl)-4-oxidanylidene-butanoic acid'
7 water water
#
_entity_poly.entity_id   1
_entity_poly.type   'polypeptide(L)'
_entity_poly.pdbx_seq_one_letter_code
;ETGSAQQLNEDLRLHLLLNTSVTCNDGSPAGYYLKESRGSRRWLLFLEGGWYCFNRENCDSRYDTMRRLMSSRDWPRTRT
GTGILSSQPEENPYWWNANMVFIPYCSSDVWSGASSKSEKNEYAFMGALIIQEVVRELLGRGLSGAKVLLLAGSSAGGTG
VLLNVDRVAEQLEKLGYPAIQVRGLADSGWFLDNKQYRHTDCVDTITCAPTEAIRRGIRYWNGVVPERCRRQFQEGEEWN
CFFGYKVYPTLRSPVFVVQWLFDEAQLTVDNVHLTGQPVQEGLRLYIQNLGRELRHTLKDVPASFAPACLSHEIIIRSHW
TDVQVKGTSLPRALHCWDRSLHDSHKASKTPLKGCPVHLVDSCPWPHCNPSCPTGTKHHHHHH
;
_entity_poly.pdbx_strand_id   A
#
loop_
_chem_comp.id
_chem_comp.type
_chem_comp.name
_chem_comp.formula
DMS non-polymer 'DIMETHYL SULFOXIDE' 'C2 H6 O S'
EDO non-polymer 1,2-ETHANEDIOL 'C2 H6 O2'
NAG D-saccharide, beta linking 2-acetamido-2-deoxy-beta-D-glucopyranose 'C8 H15 N O6'
SO4 non-polymer 'SULFATE ION' 'O4 S -2'
SRK non-polymer '4-(2,3-dihydroindol-1-yl)-4-oxidanylidene-butanoic acid' 'C12 H13 N O3'
#
# COMPACT_ATOMS: atom_id res chain seq x y z
N GLU A 10 8.29 15.38 16.19
CA GLU A 10 9.06 14.78 15.11
C GLU A 10 9.46 13.39 15.58
N ASP A 11 8.46 12.51 15.71
CA ASP A 11 8.57 11.40 16.64
C ASP A 11 9.13 10.09 16.05
N LEU A 12 9.20 9.92 14.72
CA LEU A 12 9.83 8.71 14.17
C LEU A 12 11.25 9.01 13.72
N ARG A 13 12.21 8.16 14.10
CA ARG A 13 13.64 8.42 13.87
C ARG A 13 14.21 7.57 12.74
N LEU A 14 15.00 8.20 11.87
CA LEU A 14 15.58 7.53 10.72
C LEU A 14 16.69 6.54 11.12
N HIS A 15 16.64 5.37 10.50
CA HIS A 15 17.72 4.40 10.54
C HIS A 15 17.99 3.97 9.10
N LEU A 16 19.18 4.26 8.60
CA LEU A 16 19.58 3.74 7.30
C LEU A 16 19.95 2.28 7.45
N LEU A 17 19.67 1.49 6.41
CA LEU A 17 19.90 0.06 6.51
C LEU A 17 21.37 -0.25 6.74
N LEU A 18 21.64 -1.16 7.68
CA LEU A 18 23.00 -1.58 7.96
C LEU A 18 23.58 -2.37 6.79
N ASN A 19 22.72 -3.08 6.06
CA ASN A 19 23.13 -3.76 4.84
C ASN A 19 23.06 -2.72 3.73
N THR A 20 24.19 -2.10 3.42
CA THR A 20 24.17 -0.99 2.48
C THR A 20 24.10 -1.43 1.03
N SER A 21 24.04 -2.74 0.75
CA SER A 21 23.74 -3.20 -0.60
C SER A 21 22.26 -3.18 -0.91
N VAL A 22 21.41 -2.87 0.06
CA VAL A 22 19.98 -2.72 -0.18
C VAL A 22 19.75 -1.22 -0.29
N THR A 23 19.48 -0.75 -1.51
CA THR A 23 19.60 0.66 -1.82
C THR A 23 18.34 1.20 -2.47
N CYS A 24 18.23 2.51 -2.37
CA CYS A 24 17.32 3.31 -3.16
C CYS A 24 17.79 3.28 -4.62
N ASN A 25 17.01 3.93 -5.49
CA ASN A 25 17.29 3.89 -6.93
C ASN A 25 18.72 4.30 -7.25
N ASP A 26 19.26 5.32 -6.60
CA ASP A 26 20.56 5.84 -6.99
C ASP A 26 21.73 5.19 -6.25
N GLY A 27 21.49 4.11 -5.50
CA GLY A 27 22.56 3.42 -4.81
C GLY A 27 22.78 3.90 -3.39
N SER A 28 22.13 4.98 -2.98
CA SER A 28 22.19 5.37 -1.58
C SER A 28 21.42 4.36 -0.72
N PRO A 29 21.78 4.23 0.56
CA PRO A 29 21.14 3.20 1.38
C PRO A 29 19.67 3.50 1.56
N ALA A 30 18.86 2.44 1.52
CA ALA A 30 17.46 2.59 1.92
C ALA A 30 17.39 2.64 3.45
N GLY A 31 16.18 2.73 4.00
CA GLY A 31 16.09 2.84 5.44
C GLY A 31 14.66 2.82 5.89
N TYR A 32 14.49 3.18 7.17
CA TYR A 32 13.17 3.21 7.78
C TYR A 32 13.18 4.20 8.94
N TYR A 33 12.01 4.73 9.25
CA TYR A 33 11.81 5.58 10.42
C TYR A 33 11.07 4.78 11.47
N LEU A 34 11.52 4.86 12.72
CA LEU A 34 11.00 4.01 13.79
C LEU A 34 10.70 4.81 15.03
N LYS A 35 9.53 4.54 15.62
CA LYS A 35 9.17 4.97 16.96
C LYS A 35 8.77 3.74 17.76
N GLU A 36 9.61 3.31 18.68
CA GLU A 36 9.26 2.15 19.49
C GLU A 36 8.24 2.47 20.56
N SER A 37 7.49 1.45 20.91
CA SER A 37 6.54 1.51 22.03
C SER A 37 6.87 0.31 22.91
N ARG A 38 7.68 0.55 23.93
CA ARG A 38 8.08 -0.51 24.85
C ARG A 38 6.85 -1.16 25.46
N GLY A 39 6.84 -2.48 25.49
CA GLY A 39 5.71 -3.19 26.04
C GLY A 39 4.56 -3.44 25.08
N SER A 40 4.50 -2.76 23.93
CA SER A 40 3.56 -3.16 22.91
C SER A 40 4.17 -4.26 22.08
N ARG A 41 3.36 -5.29 21.78
CA ARG A 41 3.76 -6.35 20.87
C ARG A 41 3.13 -6.18 19.48
N ARG A 42 2.59 -5.01 19.20
CA ARG A 42 2.06 -4.69 17.87
C ARG A 42 3.05 -3.84 17.10
N TRP A 43 3.28 -4.21 15.84
CA TRP A 43 4.20 -3.51 14.97
C TRP A 43 3.48 -3.13 13.68
N LEU A 44 3.52 -1.86 13.34
CA LEU A 44 2.93 -1.32 12.11
C LEU A 44 4.06 -0.89 11.19
N LEU A 45 4.17 -1.53 10.03
CA LEU A 45 5.18 -1.18 9.04
C LEU A 45 4.46 -0.59 7.83
N PHE A 46 4.65 0.70 7.59
CA PHE A 46 3.89 1.42 6.56
C PHE A 46 4.77 1.68 5.35
N LEU A 47 4.25 1.33 4.17
CA LEU A 47 4.92 1.54 2.89
C LEU A 47 4.40 2.81 2.23
N GLU A 48 5.27 3.81 2.07
CA GLU A 48 4.93 5.00 1.34
C GLU A 48 4.63 4.68 -0.13
N GLY A 49 3.80 5.51 -0.75
CA GLY A 49 3.53 5.44 -2.16
C GLY A 49 4.14 6.59 -2.94
N GLY A 50 3.67 6.74 -4.17
CA GLY A 50 4.14 7.79 -5.06
C GLY A 50 4.48 7.35 -6.47
N TRP A 51 3.55 6.71 -7.16
CA TRP A 51 3.72 6.31 -8.58
C TRP A 51 4.92 5.37 -8.70
N TYR A 52 5.71 5.51 -9.76
CA TYR A 52 6.73 4.56 -10.19
C TYR A 52 7.39 5.18 -11.42
N CYS A 53 8.48 4.56 -11.86
CA CYS A 53 9.04 4.88 -13.17
C CYS A 53 9.47 3.57 -13.82
N PHE A 54 9.52 3.56 -15.15
CA PHE A 54 9.67 2.27 -15.82
C PHE A 54 10.64 2.26 -17.00
N ASN A 55 11.35 3.36 -17.28
CA ASN A 55 12.42 3.34 -18.27
C ASN A 55 13.42 4.42 -17.88
N ARG A 56 14.54 4.47 -18.62
CA ARG A 56 15.61 5.41 -18.29
C ARG A 56 15.13 6.84 -18.33
N GLU A 57 14.38 7.19 -19.36
CA GLU A 57 13.97 8.58 -19.56
C GLU A 57 13.00 9.04 -18.46
N ASN A 58 11.99 8.24 -18.13
CA ASN A 58 11.07 8.72 -17.11
C ASN A 58 11.63 8.57 -15.69
N CYS A 59 12.54 7.61 -15.47
CA CYS A 59 13.24 7.60 -14.18
C CYS A 59 14.20 8.78 -14.04
N ASP A 60 14.87 9.19 -15.12
CA ASP A 60 15.72 10.38 -15.06
C ASP A 60 14.90 11.62 -14.72
N SER A 61 13.71 11.76 -15.30
CA SER A 61 12.85 12.90 -14.99
CA SER A 61 12.89 12.91 -14.98
C SER A 61 12.46 12.88 -13.52
N ARG A 62 12.04 11.72 -13.04
CA ARG A 62 11.68 11.59 -11.64
C ARG A 62 12.86 11.92 -10.73
N TYR A 63 14.09 11.57 -11.15
CA TYR A 63 15.27 11.87 -10.34
C TYR A 63 15.50 13.38 -10.21
N ASP A 64 15.05 14.16 -11.20
CA ASP A 64 15.27 15.61 -11.19
C ASP A 64 14.32 16.30 -10.21
N THR A 65 13.07 15.85 -10.12
CA THR A 65 12.07 16.63 -9.44
C THR A 65 11.30 15.84 -8.39
N MET A 66 11.66 14.57 -8.16
CA MET A 66 11.04 13.73 -7.13
C MET A 66 12.14 12.91 -6.48
N ARG A 67 13.28 13.57 -6.20
CA ARG A 67 14.49 12.83 -5.84
C ARG A 67 14.36 12.11 -4.50
N ARG A 68 13.56 12.62 -3.57
CA ARG A 68 13.37 11.92 -2.31
C ARG A 68 12.73 10.55 -2.50
N LEU A 69 12.06 10.33 -3.63
CA LEU A 69 11.49 9.03 -3.99
C LEU A 69 12.48 8.14 -4.75
N MET A 70 13.74 8.56 -4.83
CA MET A 70 14.77 7.82 -5.55
C MET A 70 16.09 7.79 -4.81
N SER A 71 16.16 8.33 -3.60
CA SER A 71 17.44 8.56 -2.96
C SER A 71 17.19 8.91 -1.50
N SER A 72 18.10 8.47 -0.62
CA SER A 72 18.03 8.84 0.79
C SER A 72 18.93 10.02 1.14
N ARG A 73 19.65 10.57 0.17
CA ARG A 73 20.70 11.55 0.45
C ARG A 73 20.15 12.78 1.18
N ASP A 74 18.89 13.12 0.94
CA ASP A 74 18.29 14.34 1.49
C ASP A 74 17.21 14.04 2.52
N TRP A 75 17.09 12.80 2.98
CA TRP A 75 16.06 12.47 3.96
C TRP A 75 16.34 13.18 5.28
N PRO A 76 15.29 13.64 5.97
CA PRO A 76 15.49 14.22 7.30
C PRO A 76 15.67 13.13 8.36
N ARG A 77 16.25 13.53 9.48
CA ARG A 77 16.54 12.53 10.51
C ARG A 77 15.30 12.07 11.23
N THR A 78 14.20 12.83 11.18
CA THR A 78 12.95 12.44 11.81
C THR A 78 11.77 12.75 10.89
N ARG A 79 10.65 12.10 11.19
CA ARG A 79 9.36 12.38 10.58
C ARG A 79 8.30 12.31 11.66
N THR A 80 7.24 13.07 11.50
CA THR A 80 6.12 13.01 12.44
C THR A 80 5.13 11.95 11.97
N GLY A 81 4.74 11.09 12.90
CA GLY A 81 3.71 10.10 12.59
C GLY A 81 2.33 10.74 12.56
N THR A 82 1.61 10.50 11.49
CA THR A 82 0.28 11.05 11.29
C THR A 82 -0.71 9.94 10.96
N GLY A 83 -1.97 10.21 11.27
CA GLY A 83 -3.01 9.21 11.02
C GLY A 83 -2.75 7.94 11.79
N ILE A 84 -2.75 6.82 11.05
CA ILE A 84 -2.51 5.51 11.67
C ILE A 84 -1.10 5.39 12.24
N LEU A 85 -0.19 6.27 11.83
CA LEU A 85 1.16 6.31 12.41
C LEU A 85 1.27 7.27 13.57
N SER A 86 0.19 7.95 13.97
CA SER A 86 0.22 8.80 15.15
C SER A 86 0.19 7.97 16.42
N SER A 87 0.93 8.42 17.42
CA SER A 87 0.94 7.82 18.75
C SER A 87 -0.05 8.47 19.71
N GLN A 88 -0.87 9.39 19.24
CA GLN A 88 -1.86 10.04 20.08
C GLN A 88 -3.21 9.37 19.87
N PRO A 89 -3.87 8.89 20.93
CA PRO A 89 -5.18 8.24 20.73
C PRO A 89 -6.21 9.16 20.12
N GLU A 90 -6.11 10.46 20.37
CA GLU A 90 -7.03 11.43 19.77
C GLU A 90 -6.99 11.34 18.24
N GLU A 91 -5.81 11.15 17.66
CA GLU A 91 -5.64 11.07 16.22
C GLU A 91 -5.71 9.66 15.68
N ASN A 92 -5.33 8.67 16.49
CA ASN A 92 -5.26 7.28 16.04
C ASN A 92 -5.97 6.43 17.08
N PRO A 93 -7.30 6.32 16.99
CA PRO A 93 -8.04 5.44 17.93
C PRO A 93 -7.67 3.99 17.79
N TYR A 94 -7.11 3.59 16.65
CA TYR A 94 -6.91 2.17 16.35
C TYR A 94 -5.66 1.62 17.02
N TRP A 95 -4.47 2.10 16.62
CA TRP A 95 -3.19 1.53 17.06
C TRP A 95 -2.23 2.53 17.65
N TRP A 96 -2.71 3.50 18.43
CA TRP A 96 -1.85 4.58 18.91
C TRP A 96 -0.66 4.09 19.74
N ASN A 97 -0.78 2.93 20.39
CA ASN A 97 0.30 2.44 21.25
C ASN A 97 1.24 1.47 20.53
N ALA A 98 1.13 1.29 19.23
CA ALA A 98 1.95 0.32 18.54
C ALA A 98 3.35 0.85 18.29
N ASN A 99 4.26 -0.06 18.01
CA ASN A 99 5.56 0.29 17.44
C ASN A 99 5.32 0.74 16.00
N MET A 100 5.79 1.93 15.66
CA MET A 100 5.53 2.56 14.38
C MET A 100 6.75 2.57 13.48
N VAL A 101 6.59 2.13 12.24
CA VAL A 101 7.66 2.14 11.25
C VAL A 101 7.12 2.73 9.97
N PHE A 102 7.80 3.75 9.44
CA PHE A 102 7.50 4.31 8.14
C PHE A 102 8.67 3.96 7.23
N ILE A 103 8.39 3.25 6.13
CA ILE A 103 9.43 2.84 5.18
C ILE A 103 9.32 3.74 3.96
N PRO A 104 10.25 4.67 3.75
CA PRO A 104 10.16 5.55 2.58
C PRO A 104 10.25 4.76 1.29
N TYR A 105 9.49 5.22 0.31
CA TYR A 105 9.47 4.62 -1.02
C TYR A 105 10.56 5.29 -1.83
N CYS A 106 11.66 4.58 -2.05
CA CYS A 106 12.76 5.14 -2.83
C CYS A 106 13.23 4.21 -3.94
N SER A 107 12.37 3.27 -4.34
CA SER A 107 12.69 2.28 -5.35
C SER A 107 11.84 2.37 -6.62
N SER A 108 10.77 3.16 -6.63
CA SER A 108 10.05 3.52 -7.86
C SER A 108 9.50 2.31 -8.61
N ASP A 109 9.23 1.21 -7.90
CA ASP A 109 8.97 -0.09 -8.53
C ASP A 109 7.74 -0.77 -7.91
N VAL A 110 6.88 0.00 -7.27
CA VAL A 110 5.66 -0.44 -6.58
C VAL A 110 6.09 -1.54 -5.57
N TRP A 111 7.30 -1.40 -5.01
CA TRP A 111 7.81 -2.30 -3.98
C TRP A 111 8.05 -3.73 -4.50
N SER A 112 8.30 -3.88 -5.81
CA SER A 112 8.41 -5.19 -6.41
C SER A 112 9.82 -5.56 -6.84
N GLY A 113 10.77 -4.62 -6.82
CA GLY A 113 12.02 -4.84 -7.53
C GLY A 113 13.00 -5.68 -6.75
N ALA A 114 13.86 -6.38 -7.50
CA ALA A 114 14.98 -7.11 -6.95
C ALA A 114 16.18 -7.01 -7.90
N SER A 115 16.64 -5.79 -8.16
CA SER A 115 17.79 -5.59 -9.03
C SER A 115 18.67 -4.47 -8.50
N SER A 116 19.98 -4.69 -8.54
CA SER A 116 20.94 -3.71 -8.06
C SER A 116 21.41 -2.80 -9.19
N LYS A 117 21.87 -1.61 -8.81
CA LYS A 117 22.60 -0.77 -9.75
C LYS A 117 23.91 -1.46 -10.10
N SER A 118 24.27 -1.43 -11.39
CA SER A 118 25.41 -2.22 -11.87
C SER A 118 25.87 -1.67 -13.20
N GLU A 119 26.87 -2.35 -13.76
CA GLU A 119 27.34 -2.14 -15.13
C GLU A 119 26.19 -2.03 -16.13
N LYS A 120 25.15 -2.82 -15.95
CA LYS A 120 24.03 -2.94 -16.87
C LYS A 120 22.82 -2.09 -16.46
N ASN A 121 22.80 -1.55 -15.23
CA ASN A 121 21.61 -0.91 -14.67
C ASN A 121 21.97 0.46 -14.12
N GLU A 122 21.42 1.53 -14.72
CA GLU A 122 21.63 2.88 -14.18
C GLU A 122 21.04 3.03 -12.78
N TYR A 123 19.92 2.39 -12.53
CA TYR A 123 19.23 2.51 -11.25
C TYR A 123 19.06 1.13 -10.64
N ALA A 124 18.97 1.12 -9.31
CA ALA A 124 18.59 -0.06 -8.55
C ALA A 124 17.10 -0.05 -8.28
N PHE A 125 16.45 -1.19 -8.44
CA PHE A 125 15.03 -1.33 -8.10
C PHE A 125 14.94 -2.46 -7.09
N MET A 126 14.89 -2.09 -5.82
CA MET A 126 15.06 -3.06 -4.74
C MET A 126 13.91 -3.07 -3.75
N GLY A 127 12.73 -2.61 -4.16
CA GLY A 127 11.61 -2.50 -3.23
C GLY A 127 11.31 -3.77 -2.45
N ALA A 128 11.29 -4.92 -3.13
CA ALA A 128 10.97 -6.15 -2.42
C ALA A 128 12.05 -6.50 -1.41
N LEU A 129 13.30 -6.20 -1.74
CA LEU A 129 14.42 -6.48 -0.85
C LEU A 129 14.52 -5.48 0.28
N ILE A 130 14.09 -4.24 0.05
CA ILE A 130 14.06 -3.25 1.13
C ILE A 130 13.13 -3.70 2.23
N ILE A 131 11.94 -4.19 1.87
CA ILE A 131 10.99 -4.66 2.89
C ILE A 131 11.59 -5.83 3.68
N GLN A 132 12.17 -6.81 2.99
CA GLN A 132 12.78 -7.94 3.68
C GLN A 132 13.90 -7.49 4.61
N GLU A 133 14.71 -6.52 4.18
CA GLU A 133 15.84 -6.10 5.00
C GLU A 133 15.40 -5.27 6.19
N VAL A 134 14.36 -4.44 6.02
CA VAL A 134 13.81 -3.73 7.17
C VAL A 134 13.31 -4.71 8.21
N VAL A 135 12.54 -5.72 7.78
CA VAL A 135 12.02 -6.72 8.70
C VAL A 135 13.17 -7.39 9.44
N ARG A 136 14.23 -7.75 8.71
CA ARG A 136 15.29 -8.52 9.33
C ARG A 136 16.04 -7.66 10.37
N GLU A 137 16.26 -6.38 10.06
CA GLU A 137 16.94 -5.51 11.01
C GLU A 137 16.05 -5.13 12.19
N LEU A 138 14.74 -5.06 12.00
CA LEU A 138 13.86 -4.75 13.12
C LEU A 138 13.76 -5.90 14.12
N LEU A 139 14.00 -7.14 13.67
CA LEU A 139 13.89 -8.26 14.59
C LEU A 139 14.82 -8.08 15.79
N GLY A 140 16.01 -7.50 15.54
CA GLY A 140 16.94 -7.20 16.62
C GLY A 140 16.62 -5.98 17.43
N ARG A 141 15.60 -5.23 17.03
CA ARG A 141 15.16 -4.03 17.74
C ARG A 141 13.82 -4.20 18.43
N GLY A 142 13.38 -5.43 18.64
CA GLY A 142 12.13 -5.71 19.34
C GLY A 142 11.10 -6.45 18.52
N LEU A 143 11.21 -6.47 17.20
CA LEU A 143 10.20 -7.16 16.40
C LEU A 143 10.16 -8.66 16.70
N SER A 144 11.26 -9.23 17.20
CA SER A 144 11.27 -10.64 17.60
C SER A 144 10.21 -10.95 18.65
N GLY A 145 9.81 -9.98 19.45
CA GLY A 145 8.77 -10.19 20.45
C GLY A 145 7.36 -9.88 19.99
N ALA A 146 7.16 -9.61 18.72
CA ALA A 146 5.86 -9.16 18.24
C ALA A 146 4.82 -10.27 18.28
N LYS A 147 3.56 -9.89 18.46
CA LYS A 147 2.42 -10.77 18.22
C LYS A 147 1.72 -10.48 16.91
N VAL A 148 1.68 -9.22 16.46
CA VAL A 148 1.09 -8.87 15.18
C VAL A 148 2.03 -7.94 14.45
N LEU A 149 2.28 -8.23 13.19
CA LEU A 149 2.99 -7.32 12.30
C LEU A 149 1.97 -6.94 11.23
N LEU A 150 1.53 -5.68 11.23
CA LEU A 150 0.61 -5.19 10.21
C LEU A 150 1.45 -4.44 9.18
N LEU A 151 1.52 -4.99 7.95
CA LEU A 151 2.17 -4.33 6.83
C LEU A 151 1.10 -3.50 6.13
N ALA A 152 1.23 -2.18 6.24
CA ALA A 152 0.26 -1.24 5.70
C ALA A 152 0.94 -0.42 4.62
N GLY A 153 0.15 0.28 3.82
CA GLY A 153 0.73 1.14 2.80
C GLY A 153 -0.36 1.87 2.06
N SER A 154 0.02 3.00 1.46
CA SER A 154 -0.92 3.82 0.70
C SER A 154 -0.43 3.98 -0.73
N SER A 155 -1.39 4.02 -1.66
CA SER A 155 -1.08 4.29 -3.06
C SER A 155 -0.22 3.13 -3.60
N ALA A 156 0.91 3.43 -4.25
CA ALA A 156 1.80 2.35 -4.68
C ALA A 156 2.22 1.50 -3.48
N GLY A 157 2.28 2.08 -2.27
CA GLY A 157 2.55 1.29 -1.08
C GLY A 157 1.43 0.34 -0.73
N GLY A 158 0.18 0.70 -1.05
CA GLY A 158 -0.91 -0.23 -0.86
C GLY A 158 -0.81 -1.43 -1.79
N THR A 159 -0.49 -1.18 -3.07
CA THR A 159 -0.18 -2.31 -3.96
C THR A 159 1.00 -3.10 -3.44
N GLY A 160 2.01 -2.40 -2.91
CA GLY A 160 3.16 -3.06 -2.32
C GLY A 160 2.81 -4.02 -1.19
N VAL A 161 1.80 -3.67 -0.38
CA VAL A 161 1.30 -4.60 0.64
C VAL A 161 0.83 -5.89 0.00
N LEU A 162 0.00 -5.77 -1.04
CA LEU A 162 -0.52 -6.96 -1.72
C LEU A 162 0.60 -7.80 -2.28
N LEU A 163 1.64 -7.16 -2.79
CA LEU A 163 2.73 -7.88 -3.44
C LEU A 163 3.68 -8.52 -2.43
N ASN A 164 3.72 -8.02 -1.19
CA ASN A 164 4.76 -8.42 -0.25
C ASN A 164 4.30 -9.04 1.06
N VAL A 165 3.01 -8.94 1.43
CA VAL A 165 2.60 -9.40 2.75
C VAL A 165 2.90 -10.89 2.96
N ASP A 166 2.59 -11.73 1.96
CA ASP A 166 2.87 -13.17 2.13
C ASP A 166 4.37 -13.46 2.16
N ARG A 167 5.19 -12.65 1.49
CA ARG A 167 6.63 -12.90 1.57
C ARG A 167 7.18 -12.53 2.94
N VAL A 168 6.65 -11.49 3.56
CA VAL A 168 7.01 -11.19 4.95
C VAL A 168 6.64 -12.34 5.87
N ALA A 169 5.44 -12.89 5.69
CA ALA A 169 5.02 -14.05 6.49
C ALA A 169 5.97 -15.22 6.28
N GLU A 170 6.32 -15.50 5.02
CA GLU A 170 7.23 -16.61 4.75
C GLU A 170 8.62 -16.36 5.31
N GLN A 171 9.08 -15.11 5.24
CA GLN A 171 10.39 -14.74 5.78
C GLN A 171 10.44 -14.99 7.28
N LEU A 172 9.42 -14.55 8.01
CA LEU A 172 9.42 -14.75 9.46
C LEU A 172 9.31 -16.22 9.83
N GLU A 173 8.53 -17.00 9.07
CA GLU A 173 8.41 -18.44 9.31
C GLU A 173 9.76 -19.13 9.19
N LYS A 174 10.50 -18.86 8.09
CA LYS A 174 11.82 -19.43 7.89
C LYS A 174 12.85 -18.94 8.90
N LEU A 175 12.75 -17.69 9.37
CA LEU A 175 13.68 -17.21 10.38
C LEU A 175 13.38 -17.76 11.76
N GLY A 176 12.29 -18.49 11.91
CA GLY A 176 11.97 -19.13 13.18
C GLY A 176 11.02 -18.38 14.07
N TYR A 177 10.17 -17.52 13.49
CA TYR A 177 9.21 -16.71 14.24
C TYR A 177 7.79 -17.01 13.77
N PRO A 178 7.31 -18.25 13.93
CA PRO A 178 5.97 -18.57 13.41
C PRO A 178 4.84 -17.98 14.23
N ALA A 179 5.11 -17.43 15.40
CA ALA A 179 4.06 -16.86 16.24
C ALA A 179 3.71 -15.43 15.88
N ILE A 180 4.52 -14.76 15.06
CA ILE A 180 4.19 -13.40 14.66
C ILE A 180 3.12 -13.48 13.59
N GLN A 181 1.96 -12.90 13.86
CA GLN A 181 0.86 -12.92 12.90
C GLN A 181 1.04 -11.75 11.93
N VAL A 182 1.27 -12.06 10.67
CA VAL A 182 1.45 -11.05 9.63
C VAL A 182 0.12 -10.78 8.95
N ARG A 183 -0.22 -9.51 8.82
CA ARG A 183 -1.47 -9.08 8.22
C ARG A 183 -1.15 -7.90 7.33
N GLY A 184 -2.06 -7.61 6.39
CA GLY A 184 -1.88 -6.51 5.46
C GLY A 184 -3.01 -5.49 5.53
N LEU A 185 -2.66 -4.23 5.27
CA LEU A 185 -3.64 -3.14 5.17
C LEU A 185 -3.27 -2.36 3.93
N ALA A 186 -4.03 -2.56 2.85
CA ALA A 186 -3.73 -1.98 1.55
C ALA A 186 -4.67 -0.80 1.31
N ASP A 187 -4.15 0.41 1.33
CA ASP A 187 -4.93 1.63 1.17
C ASP A 187 -4.65 2.25 -0.21
N SER A 188 -5.69 2.41 -1.01
CA SER A 188 -5.60 3.15 -2.27
C SER A 188 -4.61 2.52 -3.25
N GLY A 189 -4.47 1.19 -3.19
CA GLY A 189 -3.63 0.44 -4.09
C GLY A 189 -4.37 -0.66 -4.82
N TRP A 190 -5.70 -0.57 -4.90
CA TRP A 190 -6.55 -1.58 -5.53
C TRP A 190 -7.09 -0.99 -6.84
N PHE A 191 -6.38 -1.25 -7.93
CA PHE A 191 -6.67 -0.60 -9.20
C PHE A 191 -7.30 -1.59 -10.16
N LEU A 192 -7.99 -1.05 -11.16
CA LEU A 192 -8.63 -1.84 -12.19
C LEU A 192 -7.90 -1.64 -13.51
N ASP A 193 -7.67 -2.75 -14.21
CA ASP A 193 -7.16 -2.70 -15.58
C ASP A 193 -8.31 -2.57 -16.57
N ASN A 194 -9.08 -1.49 -16.40
CA ASN A 194 -10.30 -1.24 -17.15
C ASN A 194 -10.02 -0.43 -18.42
N LYS A 195 -11.07 -0.25 -19.23
CA LYS A 195 -10.99 0.61 -20.41
C LYS A 195 -10.80 2.06 -20.00
N GLN A 196 -9.89 2.76 -20.66
CA GLN A 196 -9.74 4.20 -20.43
C GLN A 196 -10.96 4.94 -21.01
N TYR A 197 -11.27 6.08 -20.39
CA TYR A 197 -12.34 6.94 -20.91
C TYR A 197 -11.99 7.51 -22.28
N ARG A 198 -10.74 7.95 -22.44
CA ARG A 198 -10.16 8.24 -23.75
C ARG A 198 -8.87 7.45 -23.88
N HIS A 199 -8.58 7.00 -25.10
CA HIS A 199 -7.62 5.93 -25.31
C HIS A 199 -6.36 6.55 -25.86
N ALA A 209 -0.79 3.22 -20.64
CA ALA A 209 -1.71 2.70 -19.62
C ALA A 209 -0.99 1.79 -18.62
N PRO A 210 -1.50 1.71 -17.40
CA PRO A 210 -0.82 0.92 -16.35
C PRO A 210 -0.47 -0.51 -16.72
N THR A 211 -1.33 -1.25 -17.42
CA THR A 211 -0.97 -2.62 -17.77
C THR A 211 0.32 -2.65 -18.58
N GLU A 212 0.46 -1.73 -19.54
CA GLU A 212 1.67 -1.69 -20.36
C GLU A 212 2.85 -1.12 -19.59
N ALA A 213 2.62 -0.08 -18.80
CA ALA A 213 3.70 0.49 -17.99
C ALA A 213 4.23 -0.52 -16.98
N ILE A 214 3.35 -1.31 -16.38
N ILE A 214 3.33 -1.30 -16.38
CA ILE A 214 3.80 -2.32 -15.42
CA ILE A 214 3.73 -2.32 -15.41
C ILE A 214 4.48 -3.48 -16.12
C ILE A 214 4.45 -3.48 -16.11
N ARG A 215 3.96 -3.91 -17.28
CA ARG A 215 4.65 -4.95 -18.04
C ARG A 215 6.09 -4.53 -18.34
N ARG A 216 6.29 -3.27 -18.75
CA ARG A 216 7.64 -2.78 -18.99
C ARG A 216 8.42 -2.65 -17.69
N GLY A 217 7.76 -2.14 -16.64
CA GLY A 217 8.43 -1.97 -15.36
C GLY A 217 8.98 -3.27 -14.80
N ILE A 218 8.18 -4.35 -14.85
CA ILE A 218 8.63 -5.63 -14.29
C ILE A 218 9.95 -6.06 -14.91
N ARG A 219 10.10 -5.90 -16.23
CA ARG A 219 11.36 -6.26 -16.88
C ARG A 219 12.48 -5.30 -16.49
N TYR A 220 12.17 -4.01 -16.42
CA TYR A 220 13.18 -3.00 -16.06
C TYR A 220 13.62 -3.13 -14.61
N TRP A 221 12.72 -3.56 -13.73
CA TRP A 221 12.98 -3.61 -12.30
C TRP A 221 13.46 -4.98 -11.85
N ASN A 222 13.35 -6.00 -12.70
CA ASN A 222 13.35 -7.39 -12.22
C ASN A 222 12.28 -7.58 -11.13
N GLY A 223 11.05 -7.20 -11.48
CA GLY A 223 9.98 -7.21 -10.48
C GLY A 223 9.55 -8.62 -10.12
N VAL A 224 9.22 -8.81 -8.85
CA VAL A 224 8.75 -10.09 -8.34
C VAL A 224 7.34 -9.94 -7.80
N VAL A 225 6.57 -11.01 -7.92
CA VAL A 225 5.18 -11.03 -7.48
C VAL A 225 4.99 -12.25 -6.59
N PRO A 226 3.89 -12.30 -5.83
CA PRO A 226 3.65 -13.45 -4.93
C PRO A 226 3.59 -14.75 -5.71
N GLU A 227 4.10 -15.82 -5.07
CA GLU A 227 4.34 -17.09 -5.76
C GLU A 227 3.08 -17.70 -6.35
N ARG A 228 1.99 -17.76 -5.58
CA ARG A 228 0.79 -18.41 -6.11
C ARG A 228 0.23 -17.62 -7.29
N CYS A 229 0.25 -16.29 -7.20
CA CYS A 229 -0.19 -15.49 -8.33
C CYS A 229 0.72 -15.69 -9.54
N ARG A 230 2.04 -15.74 -9.31
CA ARG A 230 2.98 -16.00 -10.40
C ARG A 230 2.69 -17.33 -11.08
N ARG A 231 2.34 -18.35 -10.30
CA ARG A 231 2.09 -19.66 -10.86
C ARG A 231 0.80 -19.69 -11.67
N GLN A 232 -0.18 -18.84 -11.31
CA GLN A 232 -1.40 -18.77 -12.09
C GLN A 232 -1.17 -18.08 -13.43
N PHE A 233 -0.52 -16.93 -13.41
CA PHE A 233 -0.42 -16.11 -14.62
C PHE A 233 0.78 -16.45 -15.50
N GLN A 234 1.86 -16.93 -14.88
CA GLN A 234 3.05 -17.43 -15.56
C GLN A 234 3.87 -16.37 -16.31
N GLU A 235 4.93 -16.82 -16.96
CA GLU A 235 5.94 -15.93 -17.50
C GLU A 235 5.33 -14.95 -18.49
N GLY A 236 5.74 -13.70 -18.38
CA GLY A 236 5.25 -12.64 -19.24
C GLY A 236 3.92 -12.06 -18.84
N GLU A 237 3.22 -12.67 -17.89
CA GLU A 237 1.90 -12.20 -17.47
C GLU A 237 1.87 -11.80 -16.01
N GLU A 238 3.02 -11.63 -15.38
CA GLU A 238 3.06 -11.31 -13.97
C GLU A 238 2.52 -9.91 -13.68
N TRP A 239 2.41 -9.04 -14.70
CA TRP A 239 1.77 -7.75 -14.50
C TRP A 239 0.37 -7.88 -13.90
N ASN A 240 -0.30 -9.01 -14.16
CA ASN A 240 -1.64 -9.22 -13.64
C ASN A 240 -1.67 -9.17 -12.13
N CYS A 241 -0.56 -9.57 -11.49
CA CYS A 241 -0.50 -9.64 -10.04
C CYS A 241 -0.39 -8.28 -9.37
N PHE A 242 -0.22 -7.20 -10.14
CA PHE A 242 -0.23 -5.85 -9.59
C PHE A 242 -1.63 -5.30 -9.45
N PHE A 243 -2.64 -6.05 -9.88
CA PHE A 243 -4.03 -5.62 -9.83
C PHE A 243 -4.71 -6.37 -8.69
N GLY A 244 -5.16 -5.60 -7.69
CA GLY A 244 -5.63 -6.17 -6.43
C GLY A 244 -6.63 -7.29 -6.58
N TYR A 245 -7.64 -7.11 -7.44
CA TYR A 245 -8.69 -8.11 -7.53
C TYR A 245 -8.17 -9.45 -8.07
N LYS A 246 -7.00 -9.45 -8.71
CA LYS A 246 -6.40 -10.68 -9.23
C LYS A 246 -5.40 -11.30 -8.26
N VAL A 247 -4.64 -10.48 -7.54
CA VAL A 247 -3.66 -11.02 -6.61
C VAL A 247 -4.29 -11.37 -5.26
N TYR A 248 -5.23 -10.56 -4.78
CA TYR A 248 -5.85 -10.81 -3.48
C TYR A 248 -6.32 -12.24 -3.28
N PRO A 249 -7.05 -12.89 -4.20
CA PRO A 249 -7.53 -14.26 -3.93
C PRO A 249 -6.42 -15.28 -3.78
N THR A 250 -5.20 -14.95 -4.18
CA THR A 250 -4.08 -15.87 -4.05
C THR A 250 -3.37 -15.75 -2.71
N LEU A 251 -3.68 -14.73 -1.91
CA LEU A 251 -2.93 -14.44 -0.69
C LEU A 251 -3.44 -15.25 0.49
N ARG A 252 -2.54 -15.62 1.39
CA ARG A 252 -2.89 -16.33 2.61
C ARG A 252 -3.02 -15.44 3.83
N SER A 253 -2.25 -14.37 3.92
CA SER A 253 -2.32 -13.49 5.07
C SER A 253 -3.63 -12.70 5.03
N PRO A 254 -4.23 -12.42 6.18
CA PRO A 254 -5.41 -11.54 6.21
C PRO A 254 -5.04 -10.15 5.70
N VAL A 255 -5.85 -9.63 4.79
CA VAL A 255 -5.62 -8.30 4.21
C VAL A 255 -6.90 -7.49 4.26
N PHE A 256 -6.81 -6.31 4.87
CA PHE A 256 -7.90 -5.34 4.88
C PHE A 256 -7.67 -4.37 3.73
N VAL A 257 -8.68 -4.17 2.89
CA VAL A 257 -8.55 -3.34 1.69
C VAL A 257 -9.31 -2.04 1.90
N VAL A 258 -8.62 -0.90 1.78
CA VAL A 258 -9.25 0.42 1.81
C VAL A 258 -9.13 1.00 0.41
N GLN A 259 -10.25 1.40 -0.18
CA GLN A 259 -10.18 1.96 -1.53
C GLN A 259 -11.36 2.90 -1.75
N TRP A 260 -11.08 4.16 -2.09
CA TRP A 260 -12.15 5.03 -2.53
C TRP A 260 -12.74 4.45 -3.80
N LEU A 261 -14.07 4.52 -3.94
CA LEU A 261 -14.70 3.97 -5.15
C LEU A 261 -14.31 4.75 -6.39
N PHE A 262 -14.03 6.05 -6.23
CA PHE A 262 -13.67 6.90 -7.36
C PHE A 262 -12.29 7.45 -7.10
N ASP A 263 -11.31 6.56 -7.07
CA ASP A 263 -9.96 6.94 -6.71
C ASP A 263 -9.35 7.88 -7.76
N GLU A 264 -8.70 8.95 -7.30
CA GLU A 264 -8.17 9.96 -8.22
C GLU A 264 -7.07 9.39 -9.12
N ALA A 265 -6.22 8.51 -8.59
CA ALA A 265 -5.19 7.90 -9.42
C ALA A 265 -5.81 6.98 -10.48
N GLN A 266 -6.83 6.21 -10.11
CA GLN A 266 -7.56 5.40 -11.09
C GLN A 266 -8.13 6.29 -12.20
N LEU A 267 -8.78 7.39 -11.85
CA LEU A 267 -9.33 8.27 -12.87
C LEU A 267 -8.23 8.86 -13.73
N THR A 268 -7.08 9.19 -13.15
CA THR A 268 -5.96 9.71 -13.92
C THR A 268 -5.50 8.72 -14.98
N VAL A 269 -5.27 7.46 -14.58
CA VAL A 269 -4.82 6.47 -15.55
C VAL A 269 -5.93 6.10 -16.53
N ASP A 270 -7.18 6.42 -16.21
CA ASP A 270 -8.30 6.26 -17.12
C ASP A 270 -8.50 7.47 -18.03
N ASN A 271 -7.61 8.46 -17.94
CA ASN A 271 -7.71 9.69 -18.73
C ASN A 271 -8.99 10.45 -18.49
N VAL A 272 -9.40 10.53 -17.22
CA VAL A 272 -10.53 11.35 -16.78
C VAL A 272 -9.97 12.50 -15.95
N HIS A 273 -10.38 13.72 -16.29
CA HIS A 273 -10.03 14.88 -15.47
C HIS A 273 -11.26 15.77 -15.30
N LEU A 274 -11.57 16.09 -14.05
CA LEU A 274 -12.79 16.82 -13.73
C LEU A 274 -12.48 18.28 -13.44
N PRO A 278 -19.35 20.66 -15.90
CA PRO A 278 -20.62 19.95 -16.16
C PRO A 278 -20.44 18.63 -16.92
N VAL A 279 -20.75 17.52 -16.24
CA VAL A 279 -20.43 16.18 -16.71
C VAL A 279 -21.55 15.70 -17.63
N GLN A 280 -21.19 15.31 -18.85
CA GLN A 280 -22.20 14.85 -19.79
C GLN A 280 -22.37 13.34 -19.69
N GLU A 281 -23.31 12.81 -20.49
CA GLU A 281 -23.83 11.46 -20.27
C GLU A 281 -22.73 10.41 -20.35
N GLY A 282 -21.88 10.49 -21.37
CA GLY A 282 -20.85 9.47 -21.53
C GLY A 282 -19.93 9.39 -20.33
N LEU A 283 -19.49 10.54 -19.82
CA LEU A 283 -18.61 10.55 -18.66
C LEU A 283 -19.37 10.16 -17.39
N ARG A 284 -20.63 10.59 -17.27
CA ARG A 284 -21.42 10.19 -16.11
C ARG A 284 -21.52 8.66 -16.04
N LEU A 285 -21.85 8.04 -17.17
CA LEU A 285 -21.97 6.58 -17.21
C LEU A 285 -20.62 5.92 -16.94
N TYR A 286 -19.55 6.51 -17.44
CA TYR A 286 -18.21 5.96 -17.20
C TYR A 286 -17.88 5.97 -15.70
N ILE A 287 -18.09 7.10 -15.04
CA ILE A 287 -17.80 7.21 -13.61
C ILE A 287 -18.69 6.27 -12.80
N GLN A 288 -19.98 6.21 -13.13
CA GLN A 288 -20.88 5.31 -12.41
C GLN A 288 -20.46 3.85 -12.60
N ASN A 289 -20.06 3.49 -13.82
CA ASN A 289 -19.63 2.13 -14.07
CA ASN A 289 -19.63 2.13 -14.07
C ASN A 289 -18.34 1.81 -13.32
N LEU A 290 -17.43 2.78 -13.20
CA LEU A 290 -16.20 2.55 -12.43
C LEU A 290 -16.53 2.21 -10.99
N GLY A 291 -17.41 3.00 -10.36
CA GLY A 291 -17.78 2.72 -8.98
C GLY A 291 -18.44 1.36 -8.84
N ARG A 292 -19.30 1.00 -9.78
CA ARG A 292 -19.94 -0.32 -9.75
C ARG A 292 -18.94 -1.44 -9.91
N GLU A 293 -17.96 -1.27 -10.82
CA GLU A 293 -16.93 -2.28 -11.01
C GLU A 293 -16.07 -2.43 -9.77
N LEU A 294 -15.66 -1.31 -9.17
CA LEU A 294 -14.87 -1.39 -7.95
CA LEU A 294 -14.88 -1.37 -7.94
C LEU A 294 -15.65 -2.11 -6.85
N ARG A 295 -16.88 -1.68 -6.60
CA ARG A 295 -17.75 -2.35 -5.65
C ARG A 295 -17.84 -3.85 -5.94
N HIS A 296 -18.00 -4.22 -7.22
CA HIS A 296 -18.10 -5.65 -7.56
C HIS A 296 -16.84 -6.41 -7.15
N THR A 297 -15.65 -5.83 -7.38
CA THR A 297 -14.41 -6.53 -7.03
C THR A 297 -14.24 -6.69 -5.53
N LEU A 298 -14.95 -5.92 -4.72
CA LEU A 298 -14.86 -6.00 -3.27
C LEU A 298 -15.96 -6.85 -2.64
N LYS A 299 -16.89 -7.37 -3.45
CA LYS A 299 -18.02 -8.15 -2.92
C LYS A 299 -17.56 -9.25 -1.97
N ASP A 300 -16.52 -9.98 -2.36
CA ASP A 300 -16.00 -11.13 -1.62
C ASP A 300 -14.70 -10.81 -0.89
N VAL A 301 -14.51 -9.54 -0.54
CA VAL A 301 -13.38 -9.15 0.30
C VAL A 301 -13.95 -8.87 1.69
N PRO A 302 -13.83 -9.77 2.66
CA PRO A 302 -14.57 -9.58 3.92
C PRO A 302 -14.13 -8.39 4.74
N ALA A 303 -12.88 -7.94 4.65
CA ALA A 303 -12.39 -6.82 5.44
C ALA A 303 -12.07 -5.72 4.44
N SER A 304 -12.97 -4.74 4.33
CA SER A 304 -12.78 -3.68 3.36
CA SER A 304 -12.82 -3.70 3.33
C SER A 304 -13.54 -2.44 3.78
N PHE A 305 -13.07 -1.30 3.29
CA PHE A 305 -13.64 0.02 3.60
C PHE A 305 -13.54 0.82 2.32
N ALA A 306 -14.66 1.07 1.67
CA ALA A 306 -14.68 1.63 0.32
C ALA A 306 -15.75 2.69 0.21
N PRO A 307 -15.43 3.93 0.59
CA PRO A 307 -16.40 5.02 0.50
C PRO A 307 -16.54 5.60 -0.90
N ALA A 308 -17.74 6.09 -1.17
CA ALA A 308 -18.08 6.66 -2.48
C ALA A 308 -17.62 8.11 -2.56
N CYS A 309 -16.30 8.29 -2.65
CA CYS A 309 -15.66 9.60 -2.72
C CYS A 309 -14.62 9.62 -3.82
N LEU A 310 -14.41 10.83 -4.34
CA LEU A 310 -13.33 11.14 -5.26
C LEU A 310 -12.17 11.66 -4.41
N SER A 311 -11.14 10.83 -4.21
CA SER A 311 -10.03 11.15 -3.31
C SER A 311 -8.91 10.16 -3.58
N HIS A 312 -7.86 10.17 -2.74
CA HIS A 312 -6.74 9.24 -2.90
C HIS A 312 -5.98 9.21 -1.59
N GLU A 313 -5.76 8.00 -1.06
CA GLU A 313 -5.11 7.73 0.23
C GLU A 313 -6.02 8.10 1.38
N ILE A 314 -5.81 7.47 2.55
CA ILE A 314 -6.54 7.83 3.76
C ILE A 314 -5.74 7.60 5.04
N ILE A 315 -5.00 6.49 5.13
CA ILE A 315 -4.63 6.01 6.46
C ILE A 315 -3.59 6.89 7.17
N ILE A 316 -2.74 7.64 6.48
CA ILE A 316 -1.78 8.49 7.20
C ILE A 316 -2.20 9.96 7.21
N ARG A 317 -3.42 10.26 6.79
CA ARG A 317 -3.94 11.61 6.89
C ARG A 317 -4.41 11.89 8.32
N SER A 318 -4.12 13.09 8.82
CA SER A 318 -4.45 13.39 10.22
C SER A 318 -5.95 13.29 10.49
N HIS A 319 -6.79 13.58 9.51
CA HIS A 319 -8.24 13.55 9.69
C HIS A 319 -8.86 12.24 9.18
N TRP A 320 -8.07 11.16 9.17
CA TRP A 320 -8.52 9.89 8.60
C TRP A 320 -9.70 9.32 9.39
N THR A 321 -9.90 9.78 10.63
CA THR A 321 -11.01 9.31 11.45
C THR A 321 -12.37 9.83 11.01
N ASP A 322 -12.41 10.82 10.11
CA ASP A 322 -13.66 11.53 9.82
C ASP A 322 -14.59 10.75 8.89
N VAL A 323 -14.07 10.04 7.92
CA VAL A 323 -14.93 9.38 6.94
C VAL A 323 -15.59 8.16 7.56
N GLN A 324 -16.85 7.93 7.21
CA GLN A 324 -17.60 6.79 7.71
C GLN A 324 -18.36 6.17 6.55
N VAL A 325 -18.51 4.86 6.61
CA VAL A 325 -19.38 4.11 5.70
C VAL A 325 -20.43 3.44 6.58
N LYS A 326 -21.70 3.69 6.27
CA LYS A 326 -22.81 3.11 7.05
C LYS A 326 -22.65 3.42 8.54
N GLY A 327 -22.12 4.60 8.83
CA GLY A 327 -21.97 5.05 10.20
C GLY A 327 -20.75 4.54 10.94
N THR A 328 -19.83 3.85 10.27
CA THR A 328 -18.65 3.26 10.90
C THR A 328 -17.40 3.89 10.31
N SER A 329 -16.51 4.40 11.17
CA SER A 329 -15.26 4.97 10.71
C SER A 329 -14.25 3.88 10.39
N LEU A 330 -13.18 4.26 9.67
CA LEU A 330 -12.10 3.31 9.38
C LEU A 330 -11.38 2.84 10.63
N PRO A 331 -10.99 3.71 11.58
CA PRO A 331 -10.38 3.19 12.81
C PRO A 331 -11.28 2.19 13.52
N ARG A 332 -12.60 2.41 13.53
CA ARG A 332 -13.49 1.43 14.12
C ARG A 332 -13.47 0.12 13.34
N ALA A 333 -13.60 0.19 12.00
CA ALA A 333 -13.58 -1.01 11.18
C ALA A 333 -12.30 -1.82 11.41
N LEU A 334 -11.15 -1.14 11.51
CA LEU A 334 -9.89 -1.83 11.75
C LEU A 334 -9.89 -2.49 13.13
N HIS A 335 -10.42 -1.79 14.13
CA HIS A 335 -10.60 -2.40 15.45
C HIS A 335 -11.48 -3.65 15.39
N CYS A 336 -12.58 -3.58 14.63
CA CYS A 336 -13.45 -4.75 14.49
C CYS A 336 -12.73 -5.89 13.78
N TRP A 337 -11.88 -5.55 12.83
CA TRP A 337 -11.05 -6.55 12.16
C TRP A 337 -10.13 -7.24 13.16
N ASP A 338 -9.45 -6.46 14.01
CA ASP A 338 -8.62 -7.05 15.06
C ASP A 338 -9.44 -8.02 15.90
N ARG A 339 -10.66 -7.63 16.28
CA ARG A 339 -11.49 -8.51 17.10
C ARG A 339 -11.85 -9.76 16.33
N SER A 340 -12.16 -9.61 15.05
CA SER A 340 -12.53 -10.75 14.21
C SER A 340 -11.40 -11.76 14.10
N LEU A 341 -10.15 -11.31 14.24
CA LEU A 341 -8.97 -12.17 14.13
C LEU A 341 -8.50 -12.72 15.46
N HIS A 342 -9.22 -12.45 16.55
CA HIS A 342 -8.89 -13.02 17.85
C HIS A 342 -8.85 -14.53 17.74
N THR A 350 -17.71 -16.04 13.17
CA THR A 350 -19.02 -15.41 13.26
C THR A 350 -18.88 -13.90 13.42
N PRO A 351 -19.75 -13.13 12.76
CA PRO A 351 -19.63 -11.68 12.80
C PRO A 351 -19.98 -11.10 14.17
N LEU A 352 -19.55 -9.87 14.36
CA LEU A 352 -19.60 -9.19 15.65
C LEU A 352 -20.73 -8.16 15.64
N LYS A 353 -21.51 -8.16 16.72
CA LYS A 353 -22.66 -7.27 16.83
C LYS A 353 -22.22 -5.82 16.80
N GLY A 354 -22.68 -5.08 15.78
CA GLY A 354 -22.38 -3.67 15.69
C GLY A 354 -20.91 -3.33 15.48
N CYS A 355 -20.11 -4.26 15.01
CA CYS A 355 -18.68 -4.00 14.84
C CYS A 355 -18.31 -4.62 13.50
N PRO A 356 -18.70 -3.97 12.41
CA PRO A 356 -18.55 -4.56 11.08
C PRO A 356 -17.15 -4.36 10.52
N VAL A 357 -16.80 -5.24 9.58
CA VAL A 357 -15.52 -5.16 8.90
C VAL A 357 -15.65 -5.02 7.40
N HIS A 358 -16.82 -5.27 6.81
CA HIS A 358 -17.04 -5.13 5.37
C HIS A 358 -17.93 -3.91 5.15
N LEU A 359 -17.33 -2.83 4.66
CA LEU A 359 -18.01 -1.53 4.60
C LEU A 359 -17.78 -0.93 3.23
N VAL A 360 -18.71 -1.16 2.31
CA VAL A 360 -18.60 -0.72 0.93
C VAL A 360 -19.82 0.12 0.61
N ASP A 361 -19.62 1.38 0.23
CA ASP A 361 -20.76 2.21 -0.16
C ASP A 361 -21.47 1.64 -1.38
N SER A 362 -22.77 1.88 -1.43
CA SER A 362 -23.57 1.49 -2.58
C SER A 362 -24.09 2.67 -3.38
N CYS A 363 -23.91 3.89 -2.89
CA CYS A 363 -24.44 5.01 -3.64
C CYS A 363 -23.49 5.33 -4.81
N PRO A 364 -24.02 5.85 -5.92
CA PRO A 364 -23.32 5.69 -7.21
C PRO A 364 -22.49 6.87 -7.71
N TRP A 365 -22.32 7.93 -6.92
CA TRP A 365 -21.65 9.14 -7.42
C TRP A 365 -20.73 9.72 -6.37
N PRO A 366 -19.55 10.24 -6.76
CA PRO A 366 -18.68 10.90 -5.77
C PRO A 366 -19.41 11.86 -4.86
N HIS A 367 -19.25 11.61 -3.57
CA HIS A 367 -19.52 12.47 -2.43
C HIS A 367 -21.03 12.29 -2.17
N CYS A 368 -21.62 11.19 -2.67
CA CYS A 368 -22.94 10.78 -2.19
C CYS A 368 -22.89 10.32 -0.74
N ASN A 369 -21.69 10.02 -0.25
CA ASN A 369 -21.44 9.86 1.18
C ASN A 369 -21.12 11.23 1.75
N PRO A 370 -21.89 11.73 2.72
CA PRO A 370 -21.65 13.10 3.23
C PRO A 370 -20.35 13.26 3.97
N SER A 371 -19.73 12.16 4.41
CA SER A 371 -18.51 12.22 5.18
C SER A 371 -17.24 12.22 4.32
N CYS A 372 -17.39 12.30 3.00
CA CYS A 372 -16.22 12.31 2.12
C CYS A 372 -15.31 13.49 2.45
N PRO A 373 -14.00 13.36 2.22
CA PRO A 373 -13.09 14.49 2.44
C PRO A 373 -13.49 15.68 1.59
N THR A 374 -13.36 16.87 2.17
CA THR A 374 -13.76 18.09 1.48
C THR A 374 -12.72 18.52 0.47
C1 NAG B . 22.37 -7.80 2.15
C2 NAG B . 22.59 -9.23 2.68
C3 NAG B . 22.68 -10.25 1.53
C4 NAG B . 21.55 -10.06 0.53
C5 NAG B . 21.49 -8.61 0.09
C6 NAG B . 20.36 -8.32 -0.88
C7 NAG B . 23.82 -9.22 4.81
C8 NAG B . 25.17 -9.30 5.46
N2 NAG B . 23.81 -9.29 3.48
O3 NAG B . 22.63 -11.56 2.07
O4 NAG B . 21.81 -10.89 -0.59
O5 NAG B . 21.28 -7.80 1.24
O6 NAG B . 19.08 -8.59 -0.31
O7 NAG B . 22.79 -9.08 5.47
S SO4 C . 19.17 1.96 -18.06
O1 SO4 C . 20.02 2.87 -18.83
O2 SO4 C . 18.20 1.34 -18.96
O3 SO4 C . 18.46 2.71 -17.04
O4 SO4 C . 19.98 0.94 -17.42
S SO4 D . 8.55 -15.84 -3.44
O1 SO4 D . 9.27 -16.70 -4.37
O2 SO4 D . 7.67 -14.94 -4.18
O3 SO4 D . 7.76 -16.68 -2.54
O4 SO4 D . 9.50 -15.06 -2.66
S SO4 E . -0.28 -24.25 -3.91
O1 SO4 E . -1.23 -23.27 -4.43
O2 SO4 E . 0.82 -24.39 -4.87
O3 SO4 E . 0.25 -23.80 -2.63
O4 SO4 E . -0.94 -25.54 -3.74
S DMS F . -4.05 0.77 20.83
O DMS F . -2.62 0.75 20.35
C1 DMS F . -4.00 0.68 22.63
C2 DMS F . -4.77 -0.87 20.49
C1 EDO G . -21.81 -5.93 -7.31
O1 EDO G . -22.42 -7.14 -7.78
C2 EDO G . -21.37 -6.06 -5.86
O2 EDO G . -22.38 -5.57 -4.97
C1 EDO H . -18.17 -10.88 1.88
O1 EDO H . -16.89 -10.30 1.64
C2 EDO H . -19.09 -9.80 2.45
O2 EDO H . -18.75 -9.64 3.84
C02 SRK I . 0.05 5.96 -6.35
C04 SRK I . -0.14 6.53 -7.74
C05 SRK I . -0.81 5.58 -8.74
C06 SRK I . -0.32 4.13 -8.75
C09 SRK I . -2.07 3.63 -10.51
C10 SRK I . -2.32 2.54 -11.49
C11 SRK I . -1.60 1.32 -10.93
C12 SRK I . -1.66 -0.02 -11.31
C13 SRK I . -0.91 -0.94 -10.60
C14 SRK I . -0.10 -0.53 -9.56
C15 SRK I . -0.03 0.80 -9.17
C16 SRK I . -0.78 1.75 -9.88
N08 SRK I . -0.97 3.22 -9.67
O01 SRK I . -0.96 5.48 -5.76
O03 SRK I . 1.20 5.97 -5.81
O07 SRK I . 0.58 3.77 -8.06
S DMS J . -7.46 -12.67 2.58
O DMS J . -7.67 -11.69 3.72
C1 DMS J . -6.72 -14.18 3.27
C2 DMS J . -6.11 -12.11 1.53
S DMS K . -5.99 -0.02 -17.75
O DMS K . -6.39 1.25 -17.06
C1 DMS K . -4.24 -0.29 -17.48
C2 DMS K . -5.96 0.20 -19.55
S SO4 L . 12.97 16.47 -4.12
O1 SO4 L . 13.16 16.40 -5.58
O2 SO4 L . 14.27 16.59 -3.49
O3 SO4 L . 12.33 15.24 -3.64
O4 SO4 L . 12.15 17.63 -3.76
#